data_6WOB
#
_entry.id   6WOB
#
_cell.length_a   44.607
_cell.length_b   59.541
_cell.length_c   62.470
_cell.angle_alpha   90.000
_cell.angle_beta   90.000
_cell.angle_gamma   90.000
#
_symmetry.space_group_name_H-M   'P 21 21 21'
#
loop_
_entity.id
_entity.type
_entity.pdbx_description
1 polymer 'Diphosphoinositol polyphosphate phosphohydrolase 1'
2 non-polymer '(1S,2R,3S,4S,5S,6S)-2,3,4,5,6-pentakis(phosphonooxy)cyclohexyl trihydrogen diphosphate'
3 non-polymer 'MAGNESIUM ION'
4 non-polymer 'CHLORIDE ION'
5 non-polymer 'FLUORIDE ION'
6 water water
#
_entity_poly.entity_id   1
_entity_poly.type   'polypeptide(L)'
_entity_poly.pdbx_seq_one_letter_code
;HHHHHHSSGVDLGTENLYFQSMMKLKSNQTRTYDGDGYKKRAACLCFRSESEEEVLLVSSSRHPDRWIVPGGGMEPEEEP
SVAAVREVCEEAGVKGTLGRLVGIFENQERKHRTYVYVLIVTEVLEDWEDSVNIGRKREWFKIEDAIKVLQYHKPVQASY
FETLRQGYS
;
_entity_poly.pdbx_strand_id   A
#
loop_
_chem_comp.id
_chem_comp.type
_chem_comp.name
_chem_comp.formula
CL non-polymer 'CHLORIDE ION' 'Cl -1'
F non-polymer 'FLUORIDE ION' 'F -1'
MG non-polymer 'MAGNESIUM ION' 'Mg 2'
U71 non-polymer '(1S,2R,3S,4S,5S,6S)-2,3,4,5,6-pentakis(phosphonooxy)cyclohexyl trihydrogen diphosphate' 'C6 H19 O27 P7'
#
# COMPACT_ATOMS: atom_id res chain seq x y z
N THR A 30 17.56 2.41 -4.38
CA THR A 30 18.22 2.99 -3.16
C THR A 30 17.14 3.60 -2.28
N ARG A 31 17.23 3.36 -0.98
CA ARG A 31 16.28 3.89 0.04
C ARG A 31 16.52 5.39 0.19
N THR A 32 15.45 6.13 0.48
CA THR A 32 15.49 7.59 0.72
C THR A 32 14.93 7.85 2.10
N TYR A 33 15.31 8.96 2.65
CA TYR A 33 15.07 9.32 4.06
C TYR A 33 14.69 10.79 4.17
N ASP A 34 13.87 11.13 5.15
CA ASP A 34 13.67 12.55 5.53
C ASP A 34 14.86 13.00 6.40
N GLY A 35 14.86 14.27 6.80
CA GLY A 35 15.98 14.88 7.52
C GLY A 35 16.20 14.29 8.90
N ASP A 36 15.17 13.62 9.45
CA ASP A 36 15.21 12.97 10.79
C ASP A 36 15.57 11.48 10.62
N GLY A 37 15.94 11.04 9.41
CA GLY A 37 16.43 9.69 9.17
C GLY A 37 15.33 8.64 9.02
N TYR A 38 14.06 9.05 8.90
CA TYR A 38 12.95 8.09 8.65
C TYR A 38 12.98 7.73 7.18
N LYS A 39 12.83 6.43 6.90
CA LYS A 39 12.71 5.97 5.52
C LYS A 39 11.44 6.58 4.93
N LYS A 40 11.52 7.09 3.70
CA LYS A 40 10.34 7.63 2.99
C LYS A 40 9.66 6.52 2.19
N ARG A 41 8.38 6.34 2.46
CA ARG A 41 7.57 5.31 1.76
C ARG A 41 6.28 5.94 1.24
N ALA A 42 5.65 5.19 0.30
CA ALA A 42 4.34 5.57 -0.20
C ALA A 42 3.53 4.27 -0.39
N ALA A 43 2.23 4.42 -0.24
CA ALA A 43 1.27 3.29 -0.31
C ALA A 43 -0.05 3.81 -0.83
N CYS A 44 -0.89 2.88 -1.34
CA CYS A 44 -2.28 3.22 -1.64
C CYS A 44 -3.22 2.24 -0.95
N LEU A 45 -4.35 2.78 -0.58
CA LEU A 45 -5.58 2.04 -0.24
C LEU A 45 -6.28 1.83 -1.58
N CYS A 46 -6.18 0.61 -2.07
CA CYS A 46 -6.64 0.24 -3.44
C CYS A 46 -8.08 -0.25 -3.32
N PHE A 47 -9.05 0.59 -3.67
CA PHE A 47 -10.49 0.25 -3.50
C PHE A 47 -11.07 -0.32 -4.79
N ARG A 48 -12.04 -1.23 -4.62
CA ARG A 48 -12.66 -1.96 -5.72
C ARG A 48 -13.57 -1.00 -6.49
N SER A 49 -14.06 0.04 -5.84
CA SER A 49 -15.04 1.01 -6.40
C SER A 49 -14.98 2.32 -5.63
N GLU A 50 -15.63 3.36 -6.16
CA GLU A 50 -15.68 4.70 -5.52
C GLU A 50 -16.45 4.61 -4.20
N SER A 51 -17.13 3.51 -3.90
CA SER A 51 -17.84 3.32 -2.61
CA SER A 51 -17.84 3.30 -2.61
C SER A 51 -16.83 3.13 -1.47
N GLU A 52 -15.59 2.71 -1.77
CA GLU A 52 -14.47 2.55 -0.79
C GLU A 52 -14.89 1.58 0.33
N GLU A 53 -15.54 0.47 -0.05
CA GLU A 53 -16.04 -0.54 0.90
C GLU A 53 -15.12 -1.76 0.94
N GLU A 54 -14.35 -2.00 -0.12
CA GLU A 54 -13.48 -3.19 -0.22
C GLU A 54 -12.12 -2.72 -0.70
N VAL A 55 -11.09 -3.21 -0.04
CA VAL A 55 -9.70 -2.79 -0.28
C VAL A 55 -8.82 -4.00 -0.53
N LEU A 56 -7.81 -3.81 -1.39
CA LEU A 56 -6.88 -4.87 -1.77
C LEU A 56 -5.69 -4.90 -0.85
N LEU A 57 -5.51 -5.97 -0.13
CA LEU A 57 -4.28 -6.24 0.63
C LEU A 57 -3.44 -7.25 -0.12
N VAL A 58 -2.17 -7.30 0.23
CA VAL A 58 -1.22 -8.26 -0.36
C VAL A 58 -0.54 -9.03 0.77
N SER A 59 0.04 -10.16 0.45
CA SER A 59 0.73 -11.01 1.44
C SER A 59 2.06 -10.35 1.82
N SER A 60 2.46 -10.50 3.07
CA SER A 60 3.81 -10.17 3.56
C SER A 60 4.85 -10.97 2.78
N SER A 61 5.98 -10.35 2.44
CA SER A 61 7.09 -10.99 1.71
C SER A 61 7.74 -12.03 2.61
N ARG A 62 8.00 -11.68 3.88
CA ARG A 62 8.70 -12.57 4.87
C ARG A 62 7.74 -13.63 5.43
N HIS A 63 6.43 -13.37 5.46
CA HIS A 63 5.42 -14.18 6.20
C HIS A 63 4.16 -14.33 5.35
N PRO A 64 4.16 -15.26 4.38
CA PRO A 64 3.05 -15.37 3.42
C PRO A 64 1.62 -15.41 3.99
N ASP A 65 1.47 -15.86 5.24
CA ASP A 65 0.18 -16.03 5.95
C ASP A 65 -0.35 -14.71 6.53
N ARG A 66 0.41 -13.61 6.41
CA ARG A 66 0.06 -12.28 6.94
C ARG A 66 -0.29 -11.33 5.78
N TRP A 67 -1.15 -10.36 6.06
CA TRP A 67 -1.64 -9.33 5.11
C TRP A 67 -1.02 -8.00 5.44
N ILE A 68 -0.72 -7.24 4.39
CA ILE A 68 -0.19 -5.86 4.49
C ILE A 68 -0.90 -4.95 3.48
N VAL A 69 -0.77 -3.64 3.65
CA VAL A 69 -1.17 -2.66 2.63
C VAL A 69 0.03 -2.52 1.68
N PRO A 70 -0.17 -2.70 0.35
CA PRO A 70 0.95 -2.55 -0.57
C PRO A 70 1.54 -1.12 -0.55
N GLY A 71 2.87 -1.12 -0.64
CA GLY A 71 3.63 0.13 -0.54
C GLY A 71 5.11 -0.15 -0.48
N GLY A 72 5.88 0.94 -0.56
CA GLY A 72 7.33 0.75 -0.43
C GLY A 72 8.09 2.07 -0.57
N GLY A 73 9.39 1.94 -0.78
CA GLY A 73 10.31 3.09 -0.68
C GLY A 73 10.17 4.04 -1.85
N MET A 74 10.15 5.33 -1.55
N MET A 74 10.18 5.34 -1.56
CA MET A 74 10.34 6.37 -2.57
CA MET A 74 10.27 6.41 -2.58
C MET A 74 11.77 6.29 -3.10
C MET A 74 11.73 6.51 -3.06
N GLU A 75 11.93 6.60 -4.38
CA GLU A 75 13.26 6.74 -4.99
C GLU A 75 13.65 8.22 -4.92
N PRO A 76 14.94 8.50 -5.18
CA PRO A 76 15.43 9.87 -5.13
C PRO A 76 14.62 10.77 -6.07
N GLU A 77 14.16 11.89 -5.56
CA GLU A 77 13.38 12.94 -6.28
C GLU A 77 12.05 12.42 -6.80
N GLU A 78 11.58 11.27 -6.31
CA GLU A 78 10.31 10.70 -6.81
C GLU A 78 9.16 11.30 -6.01
N GLU A 79 8.17 11.84 -6.70
CA GLU A 79 6.97 12.43 -6.04
C GLU A 79 6.28 11.31 -5.27
N PRO A 80 5.77 11.57 -4.05
CA PRO A 80 5.12 10.51 -3.29
C PRO A 80 3.96 9.87 -4.06
N SER A 81 3.16 10.65 -4.80
CA SER A 81 2.00 10.09 -5.57
C SER A 81 2.52 9.12 -6.64
N VAL A 82 3.68 9.40 -7.20
CA VAL A 82 4.28 8.59 -8.28
C VAL A 82 4.82 7.29 -7.67
N ALA A 83 5.45 7.38 -6.51
CA ALA A 83 5.98 6.20 -5.80
C ALA A 83 4.82 5.26 -5.39
N ALA A 84 3.73 5.84 -4.91
CA ALA A 84 2.57 5.09 -4.39
C ALA A 84 2.01 4.21 -5.51
N VAL A 85 1.81 4.83 -6.68
CA VAL A 85 1.19 4.14 -7.84
C VAL A 85 2.18 3.10 -8.38
N ARG A 86 3.47 3.39 -8.37
CA ARG A 86 4.49 2.42 -8.80
C ARG A 86 4.54 1.19 -7.89
N GLU A 87 4.55 1.41 -6.59
CA GLU A 87 4.69 0.30 -5.62
C GLU A 87 3.47 -0.60 -5.69
N VAL A 88 2.27 -0.07 -5.86
N VAL A 88 2.30 -0.01 -5.86
CA VAL A 88 1.07 -0.94 -5.88
CA VAL A 88 1.02 -0.79 -5.93
C VAL A 88 0.99 -1.62 -7.25
C VAL A 88 1.04 -1.61 -7.23
N CYS A 89 1.55 -1.07 -8.32
CA CYS A 89 1.69 -1.86 -9.56
C CYS A 89 2.62 -3.07 -9.30
N GLU A 90 3.80 -2.82 -8.75
CA GLU A 90 4.84 -3.86 -8.49
C GLU A 90 4.31 -4.93 -7.54
N GLU A 91 3.64 -4.50 -6.47
CA GLU A 91 3.32 -5.42 -5.34
C GLU A 91 1.93 -6.05 -5.52
N ALA A 92 0.95 -5.33 -6.04
CA ALA A 92 -0.47 -5.76 -6.08
C ALA A 92 -0.95 -6.01 -7.50
N GLY A 93 -0.20 -5.55 -8.49
CA GLY A 93 -0.60 -5.78 -9.90
C GLY A 93 -1.91 -5.08 -10.24
N VAL A 94 -2.10 -3.88 -9.73
CA VAL A 94 -3.27 -3.04 -10.07
C VAL A 94 -2.82 -1.65 -10.48
N LYS A 95 -3.66 -1.02 -11.28
CA LYS A 95 -3.54 0.39 -11.67
C LYS A 95 -4.91 1.03 -11.51
N GLY A 96 -4.97 2.35 -11.38
CA GLY A 96 -6.26 3.02 -11.27
C GLY A 96 -6.14 4.51 -11.20
N THR A 97 -7.20 5.14 -10.72
CA THR A 97 -7.36 6.60 -10.66
C THR A 97 -6.95 7.04 -9.25
N LEU A 98 -5.85 7.79 -9.18
CA LEU A 98 -5.32 8.25 -7.88
C LEU A 98 -6.30 9.26 -7.31
N GLY A 99 -6.63 9.07 -6.03
CA GLY A 99 -7.48 9.98 -5.24
C GLY A 99 -6.65 10.78 -4.26
N ARG A 100 -7.31 11.19 -3.19
N ARG A 100 -7.31 11.17 -3.18
CA ARG A 100 -6.74 12.12 -2.19
CA ARG A 100 -6.76 12.08 -2.16
C ARG A 100 -5.62 11.45 -1.39
C ARG A 100 -5.60 11.42 -1.40
N LEU A 101 -4.67 12.25 -0.93
CA LEU A 101 -3.73 11.88 0.14
C LEU A 101 -4.55 11.74 1.44
N VAL A 102 -4.48 10.60 2.08
CA VAL A 102 -5.16 10.38 3.37
C VAL A 102 -4.32 11.05 4.45
N GLY A 103 -3.03 10.79 4.44
CA GLY A 103 -2.14 11.35 5.48
C GLY A 103 -0.76 10.77 5.36
N ILE A 104 0.12 11.18 6.25
CA ILE A 104 1.50 10.67 6.33
C ILE A 104 1.59 9.95 7.67
N PHE A 105 1.98 8.71 7.69
CA PHE A 105 1.92 7.81 8.85
C PHE A 105 3.30 7.32 9.22
N GLU A 106 3.68 7.52 10.47
CA GLU A 106 5.00 7.12 10.96
C GLU A 106 4.86 5.79 11.70
N ASN A 107 5.83 4.94 11.47
CA ASN A 107 6.12 3.75 12.30
C ASN A 107 7.35 4.09 13.12
N GLN A 108 7.15 4.46 14.38
CA GLN A 108 8.23 4.90 15.30
C GLN A 108 9.24 3.75 15.45
N GLU A 109 8.77 2.51 15.64
CA GLU A 109 9.60 1.33 15.92
C GLU A 109 10.55 1.05 14.74
N ARG A 110 10.03 1.06 13.52
CA ARG A 110 10.77 0.67 12.29
C ARG A 110 11.32 1.91 11.58
N LYS A 111 11.04 3.11 12.08
CA LYS A 111 11.61 4.40 11.60
C LYS A 111 11.27 4.60 10.13
N HIS A 112 9.99 4.66 9.81
CA HIS A 112 9.60 5.04 8.45
C HIS A 112 8.32 5.88 8.45
N ARG A 113 8.16 6.71 7.41
CA ARG A 113 7.00 7.60 7.27
C ARG A 113 6.43 7.33 5.89
N THR A 114 5.14 7.02 5.85
CA THR A 114 4.49 6.57 4.60
C THR A 114 3.41 7.55 4.20
N TYR A 115 3.51 8.09 2.98
CA TYR A 115 2.38 8.81 2.38
C TYR A 115 1.36 7.77 1.90
N VAL A 116 0.11 7.93 2.30
CA VAL A 116 -0.98 6.96 1.98
C VAL A 116 -2.04 7.67 1.17
N TYR A 117 -2.28 7.16 -0.04
CA TYR A 117 -3.28 7.70 -1.01
C TYR A 117 -4.45 6.72 -1.21
N VAL A 118 -5.62 7.27 -1.50
CA VAL A 118 -6.75 6.49 -2.09
C VAL A 118 -6.39 6.22 -3.55
N LEU A 119 -6.62 4.98 -3.99
CA LEU A 119 -6.54 4.60 -5.44
CA LEU A 119 -6.55 4.62 -5.43
C LEU A 119 -7.82 3.84 -5.78
N ILE A 120 -8.57 4.29 -6.78
CA ILE A 120 -9.77 3.54 -7.24
C ILE A 120 -9.30 2.63 -8.40
N VAL A 121 -9.35 1.32 -8.17
CA VAL A 121 -8.73 0.36 -9.11
C VAL A 121 -9.52 0.32 -10.42
N THR A 122 -8.80 0.46 -11.53
CA THR A 122 -9.42 0.37 -12.89
C THR A 122 -8.73 -0.68 -13.75
N GLU A 123 -7.62 -1.28 -13.31
N GLU A 123 -7.70 -1.35 -13.24
CA GLU A 123 -6.99 -2.41 -14.06
CA GLU A 123 -6.96 -2.39 -14.00
C GLU A 123 -6.47 -3.44 -13.05
C GLU A 123 -6.45 -3.46 -13.03
N VAL A 124 -6.84 -4.70 -13.23
CA VAL A 124 -6.35 -5.83 -12.40
C VAL A 124 -5.52 -6.67 -13.34
N LEU A 125 -4.22 -6.68 -13.21
CA LEU A 125 -3.30 -7.43 -14.10
C LEU A 125 -2.98 -8.80 -13.52
N GLU A 126 -2.74 -9.80 -14.39
CA GLU A 126 -2.71 -11.21 -13.95
C GLU A 126 -1.34 -11.71 -13.52
N ASP A 127 -0.24 -11.24 -14.12
CA ASP A 127 1.10 -11.85 -13.83
C ASP A 127 2.06 -10.73 -13.46
N TRP A 128 1.85 -10.13 -12.31
CA TRP A 128 2.52 -8.86 -11.95
C TRP A 128 3.88 -9.18 -11.31
N GLU A 129 4.71 -8.15 -11.15
CA GLU A 129 6.14 -8.34 -10.77
C GLU A 129 6.24 -9.26 -9.55
N ASP A 130 5.55 -8.93 -8.46
CA ASP A 130 5.75 -9.69 -7.20
C ASP A 130 5.04 -11.05 -7.25
N SER A 131 3.99 -11.24 -8.08
CA SER A 131 3.39 -12.58 -8.29
CA SER A 131 3.39 -12.59 -8.24
C SER A 131 4.45 -13.51 -8.90
N VAL A 132 5.09 -13.02 -9.94
CA VAL A 132 6.10 -13.82 -10.69
C VAL A 132 7.33 -14.06 -9.83
N ASN A 133 7.82 -13.02 -9.15
CA ASN A 133 9.18 -13.02 -8.55
C ASN A 133 9.16 -13.69 -7.18
N ILE A 134 8.15 -13.43 -6.34
CA ILE A 134 8.16 -13.91 -4.92
C ILE A 134 6.87 -14.64 -4.55
N GLY A 135 5.92 -14.81 -5.49
CA GLY A 135 4.65 -15.51 -5.23
C GLY A 135 3.74 -14.70 -4.31
N ARG A 136 3.80 -13.37 -4.37
CA ARG A 136 2.92 -12.51 -3.55
C ARG A 136 1.47 -12.74 -3.98
N LYS A 137 0.58 -12.85 -2.99
CA LYS A 137 -0.88 -12.98 -3.15
C LYS A 137 -1.56 -11.63 -2.92
N ARG A 138 -2.77 -11.50 -3.42
CA ARG A 138 -3.64 -10.32 -3.19
C ARG A 138 -5.05 -10.83 -2.93
N GLU A 139 -5.80 -10.05 -2.18
CA GLU A 139 -7.17 -10.39 -1.76
C GLU A 139 -7.94 -9.12 -1.44
N TRP A 140 -9.21 -9.08 -1.81
CA TRP A 140 -10.18 -8.02 -1.44
C TRP A 140 -10.71 -8.25 -0.03
N PHE A 141 -10.71 -7.21 0.79
CA PHE A 141 -11.23 -7.25 2.17
C PHE A 141 -12.25 -6.14 2.34
N LYS A 142 -13.38 -6.44 2.98
CA LYS A 142 -14.22 -5.35 3.52
C LYS A 142 -13.35 -4.53 4.46
N ILE A 143 -13.57 -3.22 4.53
CA ILE A 143 -12.74 -2.31 5.39
C ILE A 143 -12.62 -2.89 6.81
N GLU A 144 -13.70 -3.36 7.41
CA GLU A 144 -13.68 -3.83 8.83
C GLU A 144 -12.70 -5.00 8.94
N ASP A 145 -12.70 -5.88 7.95
CA ASP A 145 -11.89 -7.11 7.97
C ASP A 145 -10.42 -6.75 7.69
N ALA A 146 -10.16 -5.77 6.82
CA ALA A 146 -8.77 -5.32 6.59
C ALA A 146 -8.18 -4.80 7.89
N ILE A 147 -8.92 -3.97 8.60
CA ILE A 147 -8.47 -3.46 9.93
C ILE A 147 -8.14 -4.64 10.83
N LYS A 148 -9.02 -5.64 10.89
CA LYS A 148 -8.82 -6.81 11.78
C LYS A 148 -7.52 -7.56 11.45
N VAL A 149 -7.26 -7.85 10.16
CA VAL A 149 -6.09 -8.69 9.79
C VAL A 149 -4.80 -7.85 9.89
N LEU A 150 -4.87 -6.52 9.87
CA LEU A 150 -3.65 -5.69 9.96
C LEU A 150 -3.27 -5.38 11.39
N GLN A 151 -4.22 -5.42 12.35
CA GLN A 151 -4.06 -4.86 13.71
C GLN A 151 -2.82 -5.45 14.40
N TYR A 152 -2.61 -6.76 14.33
CA TYR A 152 -1.64 -7.44 15.23
C TYR A 152 -0.20 -7.08 14.92
N HIS A 153 0.18 -7.20 13.64
CA HIS A 153 1.58 -7.02 13.18
C HIS A 153 1.75 -5.60 12.61
N LYS A 154 0.67 -5.00 12.10
CA LYS A 154 0.74 -3.73 11.30
C LYS A 154 -0.27 -2.72 11.82
N PRO A 155 -0.26 -2.41 13.14
CA PRO A 155 -1.27 -1.49 13.67
C PRO A 155 -1.24 -0.10 13.01
N VAL A 156 -0.10 0.37 12.55
CA VAL A 156 -0.09 1.69 11.88
C VAL A 156 -0.84 1.56 10.55
N GLN A 157 -0.70 0.43 9.85
CA GLN A 157 -1.45 0.24 8.59
C GLN A 157 -2.94 0.10 8.89
N ALA A 158 -3.31 -0.58 9.96
CA ALA A 158 -4.74 -0.55 10.35
C ALA A 158 -5.23 0.88 10.50
N SER A 159 -4.40 1.75 11.10
CA SER A 159 -4.78 3.15 11.36
C SER A 159 -4.94 3.95 10.06
N TYR A 160 -4.42 3.47 8.94
CA TYR A 160 -4.64 4.17 7.65
C TYR A 160 -6.15 4.34 7.42
N PHE A 161 -6.96 3.36 7.88
CA PHE A 161 -8.41 3.31 7.62
C PHE A 161 -9.25 4.11 8.63
N GLU A 162 -8.67 4.73 9.65
CA GLU A 162 -9.47 5.34 10.75
C GLU A 162 -10.33 6.51 10.25
N THR A 163 -9.86 7.32 9.29
CA THR A 163 -10.58 8.51 8.74
C THR A 163 -11.30 8.17 7.43
C1 U71 B . 10.01 -5.66 5.69
C2 U71 B . 10.69 -4.27 5.82
C3 U71 B . 10.97 -3.69 4.44
C4 U71 B . 9.68 -3.56 3.65
C5 U71 B . 9.08 -4.95 3.49
C6 U71 B . 8.75 -5.53 4.86
O25 U71 B . 8.86 -6.73 1.22
PA5 U71 B . 7.74 -5.69 1.27
O35 U71 B . 7.83 -4.70 0.15
O45 U71 B . 6.38 -6.27 1.46
O15 U71 B . 7.89 -4.89 2.63
O16 U71 B . 8.17 -6.83 4.66
PA6 U71 B . 6.62 -7.20 4.94
O26 U71 B . 5.95 -6.01 5.48
O36 U71 B . 6.67 -8.49 5.82
O46 U71 B . 6.06 -7.53 3.57
O11 U71 B . 9.62 -6.15 6.97
PA1 U71 B . 10.43 -7.21 7.81
O31 U71 B . 10.80 -8.33 6.87
O41 U71 B . 11.58 -6.33 8.32
O21 U71 B . 9.44 -7.53 8.96
O12 U71 B . 9.80 -3.39 6.57
PA2 U71 B . 10.22 -2.62 7.94
O32 U71 B . 8.87 -2.20 8.55
O42 U71 B . 11.08 -1.48 7.54
O22 U71 B . 11.01 -3.67 8.79
O13 U71 B . 11.63 -2.39 4.56
PA3 U71 B . 13.16 -2.20 4.79
O33 U71 B . 13.92 -3.27 4.04
O43 U71 B . 13.22 -2.29 6.29
O23 U71 B . 13.51 -0.75 4.28
O14 U71 B . 9.96 -2.98 2.37
PA4 U71 B . 9.20 -1.72 1.89
O24 U71 B . 9.40 -0.55 2.81
O34 U71 B . 7.71 -2.01 1.59
O44 U71 B . 10.00 -1.33 0.60
PB4 U71 B . 9.94 -1.87 -0.96
O64 U71 B . 10.39 -0.60 -1.73
O74 U71 B . 10.89 -3.01 -0.99
O54 U71 B . 8.45 -2.22 -1.24
MG MG C . 6.91 -2.89 -0.07
MG MG D . 7.96 -2.80 -3.15
MG MG E . 10.49 -0.54 -3.80
CL CL F . 3.70 -0.01 9.40
CL CL G . -15.36 -0.66 -2.92
F F H . 9.74 -2.35 -3.75
#